data_8T1R
#
_entry.id   8T1R
#
_cell.length_a   58.803
_cell.length_b   82.311
_cell.length_c   102.784
_cell.angle_alpha   90.000
_cell.angle_beta   90.000
_cell.angle_gamma   90.000
#
_symmetry.space_group_name_H-M   'P 21 21 21'
#
loop_
_entity.id
_entity.type
_entity.pdbx_description
1 polymer 'Cleavage and polyadenylation specificity factor subunit 3'
2 non-polymer 3-[7,7-bis(oxidanyl)-8-oxa-7-boranuidabicyclo[4.3.0]nona-1,3,5-trien-5-yl]-~{N}-[3-(3-methoxyphenyl)phenyl]propanamide
3 non-polymer 'FE (III) ION'
4 non-polymer 'SULFATE ION'
5 non-polymer 'CHLORIDE ION'
6 water water
#
_entity_poly.entity_id   1
_entity_poly.type   'polypeptide(L)'
_entity_poly.pdbx_seq_one_letter_code
;MGSSHHHHHHSSGLVPRGSHMSAIPAEESDQLLIRPLGAGQEVGRSCIILEFKGRKIMLDCGIHPGLEGMDALPYIDLID
PAEIDLLLISHFHLDHCGALPWFLQKTSFKGRTFMTHATKAIYRWLLSDYVKVSNISADDMLYTETDLEESMDKIETINF
HEVKEVAGIKFWCYHAGHVLGAAMFMIEIAGVKLLYTGDFSRQEDRHLMAAEIPNIKPDILIIESTYGTHIHEKREEREA
RFCNTVHDIVNRGGRGLIPVFALGRAQELLLILDEYWQNHPELHDIPIYYASSLAKKCMAVYQTYVNAMNDKIRKQININ
NPFVFKHISNLKSMDHFDDIGPSVVMASPGMMQSGLSRELFESWCTDKRNGVIIAGYCVEGTLAKHIMSEPEEITTMSGQ
KLPLKMSVDYISFSAHTDYQQTSEFIRALKPPHVILVHGEQNEMARLKAALIREYEDNDEVHIEVHNPRNTEAVTLNFR
;
_entity_poly.pdbx_strand_id   A
#
loop_
_chem_comp.id
_chem_comp.type
_chem_comp.name
_chem_comp.formula
CL non-polymer 'CHLORIDE ION' 'Cl -1'
FE non-polymer 'FE (III) ION' 'Fe 3'
SO4 non-polymer 'SULFATE ION' 'O4 S -2'
XZC non-polymer 3-[7,7-bis(oxidanyl)-8-oxa-7-boranuidabicyclo[4.3.0]nona-1,3,5-trien-5-yl]-~{N}-[3-(3-methoxyphenyl)phenyl]propanamide 'C23 H23 B N O5 -1'
#
# COMPACT_ATOMS: atom_id res chain seq x y z
N LEU A 14 30.79 -10.06 5.48
CA LEU A 14 30.15 -8.93 6.14
C LEU A 14 30.04 -9.13 7.65
N VAL A 15 30.53 -8.17 8.41
CA VAL A 15 30.42 -8.20 9.87
C VAL A 15 29.09 -7.56 10.26
N PRO A 16 28.28 -8.22 11.09
CA PRO A 16 27.05 -7.59 11.55
C PRO A 16 27.35 -6.30 12.31
N ARG A 17 26.51 -5.28 12.08
CA ARG A 17 26.74 -3.98 12.66
C ARG A 17 26.63 -4.01 14.19
N GLY A 18 25.92 -4.98 14.75
CA GLY A 18 25.90 -5.14 16.19
C GLY A 18 27.12 -5.82 16.77
N SER A 19 27.89 -6.52 15.93
CA SER A 19 29.09 -7.21 16.37
C SER A 19 30.32 -6.32 16.24
N ILE A 24 39.97 -10.70 15.65
CA ILE A 24 39.59 -12.06 16.04
C ILE A 24 39.40 -12.93 14.80
N PRO A 25 40.02 -14.11 14.80
CA PRO A 25 39.91 -15.01 13.63
C PRO A 25 38.47 -15.41 13.35
N ALA A 26 37.91 -14.89 12.26
CA ALA A 26 36.53 -15.17 11.93
C ALA A 26 36.35 -16.62 11.47
N GLU A 27 35.19 -17.18 11.77
CA GLU A 27 34.89 -18.55 11.38
C GLU A 27 34.08 -18.59 10.09
N GLU A 28 33.12 -19.50 10.01
CA GLU A 28 32.34 -19.72 8.81
C GLU A 28 31.42 -18.53 8.50
N SER A 29 31.22 -18.29 7.21
CA SER A 29 30.26 -17.30 6.75
C SER A 29 28.88 -17.93 6.54
N ASP A 30 27.84 -17.18 6.90
CA ASP A 30 26.46 -17.60 6.69
C ASP A 30 25.81 -16.72 5.63
N GLN A 31 25.07 -17.34 4.73
CA GLN A 31 24.50 -16.65 3.58
C GLN A 31 23.02 -16.35 3.83
N LEU A 32 22.63 -15.10 3.58
CA LEU A 32 21.25 -14.64 3.73
C LEU A 32 20.61 -14.49 2.36
N LEU A 33 19.39 -15.00 2.23
CA LEU A 33 18.67 -15.05 0.96
C LEU A 33 17.42 -14.20 1.06
N ILE A 34 17.23 -13.32 0.08
CA ILE A 34 16.03 -12.49 -0.02
C ILE A 34 15.47 -12.63 -1.42
N ARG A 35 14.22 -13.10 -1.53
CA ARG A 35 13.60 -13.36 -2.82
C ARG A 35 12.16 -12.86 -2.82
N PRO A 36 11.84 -11.85 -3.64
CA PRO A 36 10.45 -11.41 -3.75
C PRO A 36 9.64 -12.34 -4.63
N LEU A 37 8.50 -12.79 -4.11
CA LEU A 37 7.52 -13.50 -4.92
C LEU A 37 6.45 -12.58 -5.48
N GLY A 38 6.34 -11.38 -4.91
CA GLY A 38 5.51 -10.33 -5.46
C GLY A 38 6.08 -9.00 -5.02
N ALA A 39 5.65 -7.94 -5.71
CA ALA A 39 6.19 -6.59 -5.54
C ALA A 39 7.66 -6.52 -5.93
N GLY A 40 8.15 -7.47 -6.71
CA GLY A 40 9.47 -7.40 -7.29
C GLY A 40 9.44 -6.66 -8.61
N GLN A 41 9.97 -5.44 -8.63
CA GLN A 41 9.89 -4.55 -9.79
C GLN A 41 8.45 -4.33 -10.23
N GLU A 42 7.55 -4.25 -9.26
CA GLU A 42 6.14 -4.01 -9.53
C GLU A 42 5.49 -3.49 -8.25
N VAL A 43 4.28 -2.95 -8.41
CA VAL A 43 3.41 -2.60 -7.28
C VAL A 43 2.27 -3.61 -7.25
N GLY A 44 2.11 -4.27 -6.11
CA GLY A 44 1.05 -5.27 -5.95
C GLY A 44 1.58 -6.56 -5.37
N ARG A 45 0.69 -7.32 -4.75
CA ARG A 45 0.94 -8.67 -4.21
C ARG A 45 2.29 -8.77 -3.49
N SER A 46 2.49 -7.85 -2.54
CA SER A 46 3.72 -7.86 -1.76
C SER A 46 3.91 -9.19 -1.04
N CYS A 47 5.08 -9.80 -1.24
CA CYS A 47 5.40 -11.09 -0.64
C CYS A 47 6.88 -11.39 -0.83
N ILE A 48 7.70 -11.13 0.19
CA ILE A 48 9.14 -11.26 0.11
C ILE A 48 9.59 -12.36 1.05
N ILE A 49 10.39 -13.30 0.53
CA ILE A 49 10.91 -14.42 1.30
C ILE A 49 12.28 -14.07 1.85
N LEU A 50 12.50 -14.39 3.12
CA LEU A 50 13.78 -14.21 3.79
C LEU A 50 14.24 -15.54 4.36
N GLU A 51 15.46 -15.95 4.02
CA GLU A 51 16.01 -17.23 4.45
C GLU A 51 17.39 -16.99 5.04
N PHE A 52 17.60 -17.46 6.27
CA PHE A 52 18.88 -17.27 6.94
C PHE A 52 19.03 -18.30 8.05
N LYS A 53 20.10 -19.09 8.00
CA LYS A 53 20.48 -20.05 9.03
C LYS A 53 19.31 -20.97 9.40
N GLY A 54 18.70 -21.57 8.39
CA GLY A 54 17.63 -22.51 8.58
C GLY A 54 16.25 -21.93 8.83
N ARG A 55 16.16 -20.63 9.12
CA ARG A 55 14.87 -19.98 9.32
C ARG A 55 14.36 -19.41 8.00
N LYS A 56 13.04 -19.46 7.83
CA LYS A 56 12.39 -18.93 6.63
C LYS A 56 11.25 -18.02 7.05
N ILE A 57 11.21 -16.82 6.46
CA ILE A 57 10.28 -15.77 6.83
C ILE A 57 9.60 -15.23 5.59
N MET A 58 8.30 -15.01 5.67
CA MET A 58 7.54 -14.37 4.62
C MET A 58 7.11 -12.98 5.09
N LEU A 59 7.39 -11.98 4.26
CA LEU A 59 7.05 -10.58 4.55
C LEU A 59 5.86 -10.20 3.68
N ASP A 60 4.71 -10.00 4.32
CA ASP A 60 3.44 -9.67 3.66
C ASP A 60 2.95 -10.79 2.74
N CYS A 61 1.69 -10.71 2.34
CA CYS A 61 1.06 -11.74 1.53
C CYS A 61 -0.18 -11.19 0.85
N GLY A 62 0.02 -10.29 -0.12
CA GLY A 62 -1.06 -9.58 -0.75
C GLY A 62 -1.41 -10.10 -2.14
N ILE A 63 -2.36 -9.39 -2.77
CA ILE A 63 -2.82 -9.70 -4.10
C ILE A 63 -2.52 -8.53 -5.01
N HIS A 64 -2.48 -8.81 -6.32
CA HIS A 64 -2.27 -7.78 -7.31
C HIS A 64 -3.61 -7.16 -7.69
N PRO A 65 -3.83 -5.87 -7.48
CA PRO A 65 -5.13 -5.27 -7.83
C PRO A 65 -5.42 -5.23 -9.31
N GLY A 66 -4.39 -5.34 -10.16
CA GLY A 66 -4.56 -5.29 -11.59
C GLY A 66 -4.70 -6.62 -12.27
N LEU A 67 -4.59 -7.73 -11.54
CA LEU A 67 -4.77 -9.06 -12.08
C LEU A 67 -5.99 -9.71 -11.43
N GLU A 68 -6.40 -10.86 -11.96
CA GLU A 68 -7.60 -11.54 -11.49
C GLU A 68 -7.30 -13.00 -11.20
N GLY A 69 -8.02 -13.53 -10.20
CA GLY A 69 -7.93 -14.94 -9.90
C GLY A 69 -6.57 -15.33 -9.37
N MET A 70 -6.14 -16.55 -9.70
CA MET A 70 -4.84 -17.05 -9.25
C MET A 70 -3.69 -16.25 -9.82
N ASP A 71 -3.89 -15.52 -10.92
CA ASP A 71 -2.85 -14.67 -11.47
C ASP A 71 -2.50 -13.52 -10.54
N ALA A 72 -3.42 -13.11 -9.67
CA ALA A 72 -3.20 -12.00 -8.76
C ALA A 72 -2.40 -12.39 -7.52
N LEU A 73 -2.06 -13.67 -7.37
CA LEU A 73 -1.30 -14.14 -6.23
C LEU A 73 0.20 -13.99 -6.48
N PRO A 74 1.00 -13.90 -5.42
CA PRO A 74 2.45 -14.01 -5.58
C PRO A 74 2.83 -15.43 -5.98
N TYR A 75 4.09 -15.58 -6.41
CA TYR A 75 4.58 -16.86 -6.93
C TYR A 75 4.89 -17.81 -5.78
N ILE A 76 3.83 -18.20 -5.06
CA ILE A 76 3.96 -19.08 -3.91
C ILE A 76 4.49 -20.45 -4.33
N ASP A 77 4.23 -20.86 -5.58
CA ASP A 77 4.69 -22.15 -6.05
C ASP A 77 6.20 -22.31 -5.97
N LEU A 78 6.96 -21.21 -5.95
CA LEU A 78 8.41 -21.29 -5.90
C LEU A 78 8.93 -21.69 -4.53
N ILE A 79 8.08 -21.76 -3.50
CA ILE A 79 8.51 -22.09 -2.16
C ILE A 79 7.62 -23.20 -1.61
N ASP A 80 8.13 -23.88 -0.59
CA ASP A 80 7.37 -24.87 0.16
C ASP A 80 6.76 -24.18 1.38
N PRO A 81 5.47 -23.86 1.35
CA PRO A 81 4.89 -23.06 2.45
C PRO A 81 4.93 -23.75 3.80
N ALA A 82 5.08 -25.07 3.84
CA ALA A 82 5.22 -25.76 5.12
C ALA A 82 6.56 -25.49 5.79
N GLU A 83 7.50 -24.85 5.10
CA GLU A 83 8.80 -24.52 5.66
C GLU A 83 8.89 -23.07 6.14
N ILE A 84 7.83 -22.29 5.97
CA ILE A 84 7.82 -20.91 6.41
C ILE A 84 7.58 -20.88 7.92
N ASP A 85 8.58 -20.39 8.66
CA ASP A 85 8.46 -20.31 10.12
C ASP A 85 7.58 -19.15 10.54
N LEU A 86 7.69 -18.01 9.86
CA LEU A 86 7.11 -16.77 10.35
C LEU A 86 6.58 -15.95 9.20
N LEU A 87 5.38 -15.41 9.36
CA LEU A 87 4.75 -14.53 8.38
C LEU A 87 4.41 -13.21 9.06
N LEU A 88 4.89 -12.11 8.50
CA LEU A 88 4.70 -10.78 9.06
C LEU A 88 3.91 -9.92 8.08
N ILE A 89 2.82 -9.34 8.55
CA ILE A 89 1.94 -8.50 7.75
C ILE A 89 2.12 -7.05 8.19
N SER A 90 2.42 -6.16 7.23
CA SER A 90 2.80 -4.81 7.57
C SER A 90 1.58 -3.92 7.84
N HIS A 91 0.57 -3.98 6.98
CA HIS A 91 -0.63 -3.18 7.18
C HIS A 91 -1.79 -3.83 6.41
N PHE A 92 -2.98 -3.22 6.53
CA PHE A 92 -4.20 -3.88 6.12
C PHE A 92 -4.53 -3.74 4.63
N HIS A 93 -3.68 -3.09 3.84
CA HIS A 93 -3.97 -2.94 2.42
C HIS A 93 -3.92 -4.29 1.72
N LEU A 94 -4.80 -4.46 0.73
CA LEU A 94 -5.00 -5.77 0.10
C LEU A 94 -3.80 -6.20 -0.74
N ASP A 95 -2.95 -5.28 -1.16
CA ASP A 95 -1.71 -5.68 -1.84
C ASP A 95 -0.65 -6.14 -0.85
N HIS A 96 -0.98 -6.23 0.44
CA HIS A 96 -0.08 -6.77 1.45
C HIS A 96 -0.70 -7.87 2.30
N CYS A 97 -2.02 -7.99 2.35
CA CYS A 97 -2.68 -9.04 3.12
C CYS A 97 -3.86 -9.67 2.41
N GLY A 98 -4.14 -9.29 1.15
CA GLY A 98 -5.32 -9.79 0.46
C GLY A 98 -5.30 -11.28 0.19
N ALA A 99 -4.12 -11.89 0.12
CA ALA A 99 -3.98 -13.32 -0.13
C ALA A 99 -3.84 -14.13 1.15
N LEU A 100 -3.96 -13.49 2.32
CA LEU A 100 -3.71 -14.18 3.58
C LEU A 100 -4.68 -15.33 3.85
N PRO A 101 -6.00 -15.19 3.68
CA PRO A 101 -6.87 -16.35 3.92
C PRO A 101 -6.55 -17.53 3.02
N TRP A 102 -6.23 -17.27 1.76
CA TRP A 102 -5.83 -18.35 0.85
C TRP A 102 -4.56 -19.02 1.35
N PHE A 103 -3.58 -18.23 1.81
CA PHE A 103 -2.32 -18.81 2.27
C PHE A 103 -2.51 -19.58 3.58
N LEU A 104 -3.42 -19.11 4.44
CA LEU A 104 -3.59 -19.77 5.74
C LEU A 104 -4.47 -21.01 5.63
N GLN A 105 -5.42 -21.03 4.69
CA GLN A 105 -6.42 -22.09 4.63
C GLN A 105 -6.25 -23.05 3.46
N LYS A 106 -5.68 -22.60 2.33
CA LYS A 106 -5.59 -23.41 1.13
C LYS A 106 -4.15 -23.84 0.84
N THR A 107 -3.32 -23.96 1.88
CA THR A 107 -1.92 -24.24 1.69
C THR A 107 -1.38 -24.93 2.94
N SER A 108 -0.28 -25.67 2.77
CA SER A 108 0.38 -26.42 3.84
C SER A 108 1.11 -25.54 4.86
N PHE A 109 0.86 -24.24 4.91
CA PHE A 109 1.55 -23.37 5.86
C PHE A 109 1.12 -23.69 7.29
N LYS A 110 2.09 -23.87 8.17
CA LYS A 110 1.81 -24.19 9.57
C LYS A 110 2.64 -23.32 10.52
N GLY A 111 3.16 -22.20 10.04
CA GLY A 111 3.94 -21.29 10.86
C GLY A 111 3.08 -20.30 11.60
N ARG A 112 3.73 -19.25 12.10
CA ARG A 112 3.09 -18.21 12.90
C ARG A 112 2.93 -16.95 12.08
N THR A 113 1.78 -16.30 12.22
CA THR A 113 1.47 -15.05 11.52
C THR A 113 1.25 -13.94 12.54
N PHE A 114 1.78 -12.76 12.24
CA PHE A 114 1.70 -11.62 13.13
C PHE A 114 1.32 -10.35 12.36
N MET A 115 0.46 -9.55 12.98
CA MET A 115 0.18 -8.20 12.54
C MET A 115 -0.18 -7.38 13.77
N THR A 116 -0.14 -6.06 13.63
CA THR A 116 -0.45 -5.21 14.77
C THR A 116 -1.94 -5.34 15.14
N HIS A 117 -2.27 -4.88 16.35
CA HIS A 117 -3.64 -5.00 16.84
C HIS A 117 -4.63 -4.29 15.92
N ALA A 118 -4.31 -3.04 15.55
CA ALA A 118 -5.20 -2.29 14.68
C ALA A 118 -5.31 -2.94 13.30
N THR A 119 -4.23 -3.57 12.83
CA THR A 119 -4.27 -4.19 11.51
C THR A 119 -5.22 -5.38 11.48
N LYS A 120 -5.20 -6.22 12.51
CA LYS A 120 -6.09 -7.37 12.54
C LYS A 120 -7.54 -6.94 12.61
N ALA A 121 -7.83 -5.86 13.34
CA ALA A 121 -9.22 -5.43 13.52
C ALA A 121 -9.83 -4.98 12.20
N ILE A 122 -9.07 -4.24 11.39
CA ILE A 122 -9.59 -3.78 10.10
C ILE A 122 -9.61 -4.94 9.11
N TYR A 123 -8.65 -5.85 9.20
CA TYR A 123 -8.51 -6.96 8.27
C TYR A 123 -9.78 -7.80 8.19
N ARG A 124 -10.41 -8.06 9.34
CA ARG A 124 -11.58 -8.94 9.33
C ARG A 124 -12.76 -8.30 8.60
N TRP A 125 -12.96 -6.98 8.78
CA TRP A 125 -14.07 -6.32 8.10
C TRP A 125 -13.70 -5.96 6.66
N LEU A 126 -12.44 -5.59 6.43
CA LEU A 126 -12.01 -5.18 5.09
C LEU A 126 -12.14 -6.33 4.11
N LEU A 127 -11.52 -7.47 4.41
CA LEU A 127 -11.57 -8.61 3.51
C LEU A 127 -12.98 -9.19 3.41
N SER A 128 -13.79 -9.07 4.47
CA SER A 128 -15.18 -9.47 4.37
C SER A 128 -15.90 -8.63 3.32
N ASP A 129 -15.64 -7.33 3.31
CA ASP A 129 -16.15 -6.48 2.23
C ASP A 129 -15.60 -6.91 0.89
N TYR A 130 -14.29 -7.17 0.82
CA TYR A 130 -13.66 -7.52 -0.45
C TYR A 130 -14.25 -8.78 -1.05
N VAL A 131 -14.62 -9.74 -0.21
CA VAL A 131 -15.23 -10.97 -0.71
C VAL A 131 -16.62 -10.70 -1.28
N LYS A 132 -17.40 -9.85 -0.60
CA LYS A 132 -18.77 -9.59 -1.03
C LYS A 132 -18.79 -8.90 -2.40
N VAL A 133 -17.99 -7.86 -2.57
CA VAL A 133 -17.91 -7.19 -3.86
C VAL A 133 -16.95 -7.93 -4.79
N ASP A 140 -13.60 -18.05 -9.74
CA ASP A 140 -12.22 -17.64 -9.59
C ASP A 140 -11.98 -16.98 -8.23
N MET A 141 -12.84 -17.30 -7.27
CA MET A 141 -12.70 -16.75 -5.93
C MET A 141 -11.61 -17.51 -5.17
N LEU A 142 -10.58 -16.78 -4.74
CA LEU A 142 -9.47 -17.41 -4.03
C LEU A 142 -9.92 -18.02 -2.71
N TYR A 143 -10.78 -17.31 -1.98
CA TYR A 143 -11.25 -17.77 -0.69
C TYR A 143 -12.65 -17.26 -0.45
N THR A 144 -13.32 -17.85 0.53
CA THR A 144 -14.66 -17.46 0.93
C THR A 144 -14.62 -16.76 2.27
N GLU A 145 -15.74 -16.13 2.63
CA GLU A 145 -15.84 -15.50 3.95
C GLU A 145 -15.69 -16.53 5.06
N THR A 146 -16.06 -17.79 4.78
CA THR A 146 -15.79 -18.88 5.72
C THR A 146 -14.30 -19.01 5.97
N ASP A 147 -13.51 -19.15 4.90
CA ASP A 147 -12.06 -19.29 5.04
C ASP A 147 -11.46 -18.11 5.81
N LEU A 148 -12.02 -16.90 5.60
CA LEU A 148 -11.51 -15.72 6.27
C LEU A 148 -11.68 -15.84 7.79
N GLU A 149 -12.84 -16.29 8.24
CA GLU A 149 -13.11 -16.35 9.68
C GLU A 149 -12.37 -17.48 10.38
N GLU A 150 -12.14 -18.60 9.69
CA GLU A 150 -11.43 -19.71 10.31
C GLU A 150 -9.95 -19.38 10.49
N SER A 151 -9.37 -18.58 9.59
CA SER A 151 -7.96 -18.21 9.66
C SER A 151 -7.70 -17.07 10.63
N MET A 152 -8.74 -16.46 11.21
CA MET A 152 -8.53 -15.34 12.11
C MET A 152 -7.74 -15.74 13.35
N ASP A 153 -8.07 -16.88 13.94
CA ASP A 153 -7.37 -17.32 15.15
C ASP A 153 -5.95 -17.75 14.87
N LYS A 154 -5.60 -18.01 13.61
CA LYS A 154 -4.21 -18.30 13.26
C LYS A 154 -3.34 -17.05 13.28
N ILE A 155 -3.94 -15.87 13.35
CA ILE A 155 -3.22 -14.60 13.29
C ILE A 155 -3.02 -14.09 14.70
N GLU A 156 -1.76 -13.99 15.13
CA GLU A 156 -1.44 -13.40 16.42
C GLU A 156 -1.15 -11.91 16.24
N THR A 157 -1.35 -11.16 17.32
CA THR A 157 -1.11 -9.72 17.30
C THR A 157 0.20 -9.39 18.00
N ILE A 158 0.62 -8.13 17.82
CA ILE A 158 1.86 -7.64 18.43
C ILE A 158 1.73 -6.14 18.63
N ASN A 159 2.15 -5.67 19.80
CA ASN A 159 2.22 -4.24 20.06
C ASN A 159 3.44 -3.64 19.39
N PHE A 160 3.42 -2.31 19.23
CA PHE A 160 4.60 -1.62 18.75
C PHE A 160 5.67 -1.58 19.85
N HIS A 161 6.92 -1.61 19.42
CA HIS A 161 8.08 -1.50 20.32
C HIS A 161 8.11 -2.63 21.34
N GLU A 162 7.79 -3.84 20.89
CA GLU A 162 7.75 -5.02 21.75
C GLU A 162 8.37 -6.18 21.00
N VAL A 163 9.39 -6.80 21.60
CA VAL A 163 10.12 -7.89 20.95
C VAL A 163 9.34 -9.20 21.13
N LYS A 164 9.17 -9.93 20.03
CA LYS A 164 8.67 -11.29 20.06
C LYS A 164 9.69 -12.21 19.40
N GLU A 165 9.67 -13.48 19.79
CA GLU A 165 10.59 -14.47 19.27
C GLU A 165 9.81 -15.66 18.73
N VAL A 166 10.16 -16.10 17.52
CA VAL A 166 9.55 -17.26 16.88
C VAL A 166 10.66 -18.03 16.18
N ALA A 167 10.94 -19.24 16.68
CA ALA A 167 11.92 -20.14 16.07
C ALA A 167 13.29 -19.49 15.95
N GLY A 168 13.72 -18.84 17.03
CA GLY A 168 15.00 -18.16 17.03
C GLY A 168 15.05 -16.87 16.24
N ILE A 169 13.89 -16.33 15.85
CA ILE A 169 13.81 -15.07 15.12
C ILE A 169 13.25 -14.02 16.06
N LYS A 170 14.04 -12.98 16.32
CA LYS A 170 13.57 -11.84 17.11
C LYS A 170 13.04 -10.76 16.17
N PHE A 171 11.86 -10.25 16.48
CA PHE A 171 11.29 -9.20 15.64
C PHE A 171 10.44 -8.24 16.47
N TRP A 172 10.43 -6.98 16.03
CA TRP A 172 9.62 -5.93 16.60
C TRP A 172 9.29 -4.94 15.50
N CYS A 173 8.31 -4.07 15.74
CA CYS A 173 7.81 -3.18 14.71
C CYS A 173 7.82 -1.73 15.18
N TYR A 174 8.00 -0.83 14.21
CA TYR A 174 7.92 0.61 14.40
C TYR A 174 6.71 1.15 13.67
N HIS A 175 6.31 2.37 14.03
CA HIS A 175 5.21 3.04 13.35
C HIS A 175 5.64 3.41 11.93
N ALA A 176 4.78 3.11 10.96
CA ALA A 176 5.06 3.35 9.56
C ALA A 176 4.35 4.57 8.99
N GLY A 177 3.40 5.15 9.73
CA GLY A 177 2.54 6.14 9.13
C GLY A 177 1.59 5.45 8.16
N HIS A 178 1.43 6.05 6.98
CA HIS A 178 0.68 5.44 5.88
C HIS A 178 -0.79 5.27 6.25
N VAL A 179 -1.12 4.20 6.98
CA VAL A 179 -2.47 3.96 7.47
C VAL A 179 -2.39 3.55 8.94
N LEU A 180 -3.56 3.55 9.59
CA LEU A 180 -3.62 3.14 10.98
C LEU A 180 -3.16 1.70 11.16
N GLY A 181 -2.26 1.48 12.12
CA GLY A 181 -1.75 0.17 12.40
C GLY A 181 -0.59 -0.28 11.53
N ALA A 182 -0.21 0.51 10.53
CA ALA A 182 0.88 0.13 9.64
C ALA A 182 2.19 0.05 10.42
N ALA A 183 2.95 -1.02 10.16
CA ALA A 183 4.16 -1.30 10.91
C ALA A 183 5.34 -1.49 9.98
N MET A 184 6.52 -1.09 10.47
CA MET A 184 7.79 -1.42 9.86
C MET A 184 8.46 -2.44 10.78
N PHE A 185 8.63 -3.67 10.29
CA PHE A 185 9.17 -4.74 11.10
C PHE A 185 10.68 -4.76 11.04
N MET A 186 11.31 -4.83 12.21
CA MET A 186 12.73 -5.12 12.32
C MET A 186 12.90 -6.58 12.72
N ILE A 187 13.80 -7.28 12.03
CA ILE A 187 14.02 -8.71 12.24
C ILE A 187 15.49 -8.92 12.57
N GLU A 188 15.74 -9.72 13.61
CA GLU A 188 17.11 -10.07 13.98
C GLU A 188 17.24 -11.58 14.08
N ILE A 189 18.21 -12.14 13.35
CA ILE A 189 18.56 -13.55 13.43
C ILE A 189 20.08 -13.63 13.55
N ALA A 190 20.56 -14.21 14.64
CA ALA A 190 21.99 -14.43 14.86
C ALA A 190 22.78 -13.13 14.74
N GLY A 191 22.23 -12.06 15.31
CA GLY A 191 22.89 -10.77 15.32
C GLY A 191 22.77 -9.95 14.05
N VAL A 192 22.20 -10.51 12.98
CA VAL A 192 21.99 -9.79 11.74
C VAL A 192 20.61 -9.16 11.76
N LYS A 193 20.54 -7.85 11.58
CA LYS A 193 19.30 -7.10 11.68
C LYS A 193 18.83 -6.65 10.31
N LEU A 194 17.52 -6.79 10.06
CA LEU A 194 16.90 -6.39 8.81
C LEU A 194 15.65 -5.58 9.12
N LEU A 195 15.46 -4.50 8.36
CA LEU A 195 14.29 -3.64 8.51
C LEU A 195 13.47 -3.68 7.25
N TYR A 196 12.19 -4.00 7.39
CA TYR A 196 11.23 -3.99 6.28
C TYR A 196 10.24 -2.86 6.52
N THR A 197 10.24 -1.87 5.61
CA THR A 197 9.37 -0.71 5.79
C THR A 197 7.91 -0.99 5.50
N GLY A 198 7.62 -2.02 4.70
CA GLY A 198 6.29 -2.12 4.14
C GLY A 198 6.00 -0.87 3.34
N ASP A 199 4.79 -0.34 3.49
CA ASP A 199 4.46 0.98 3.01
C ASP A 199 4.59 1.96 4.16
N PHE A 200 5.31 3.06 3.92
CA PHE A 200 5.52 4.02 5.00
C PHE A 200 5.53 5.43 4.42
N SER A 201 5.24 6.40 5.29
CA SER A 201 5.24 7.80 4.93
C SER A 201 5.93 8.59 6.04
N ARG A 202 6.70 9.60 5.64
CA ARG A 202 7.43 10.44 6.59
C ARG A 202 6.82 11.83 6.72
N GLN A 203 5.69 12.08 6.06
CA GLN A 203 5.02 13.37 6.12
C GLN A 203 3.87 13.29 7.12
N GLU A 204 3.92 14.12 8.15
CA GLU A 204 2.89 14.11 9.17
C GLU A 204 1.52 14.39 8.57
N ASP A 205 0.53 13.61 8.98
CA ASP A 205 -0.82 13.71 8.46
C ASP A 205 -1.71 14.47 9.43
N ARG A 206 -2.98 14.61 9.08
CA ARG A 206 -3.95 15.25 9.96
C ARG A 206 -4.44 14.30 11.04
N HIS A 207 -4.41 12.98 10.78
CA HIS A 207 -4.86 11.99 11.74
C HIS A 207 -3.86 10.84 11.89
N LEU A 208 -2.65 10.98 11.34
CA LEU A 208 -1.65 9.92 11.40
C LEU A 208 -0.27 10.52 11.61
N MET A 209 0.53 9.85 12.44
CA MET A 209 1.90 10.27 12.67
C MET A 209 2.77 9.90 11.47
N ALA A 210 3.96 10.49 11.43
CA ALA A 210 4.95 10.08 10.45
C ALA A 210 5.64 8.79 10.92
N ALA A 211 6.27 8.12 9.97
CA ALA A 211 7.01 6.91 10.29
C ALA A 211 8.19 7.24 11.19
N GLU A 212 8.43 6.39 12.18
CA GLU A 212 9.60 6.55 13.03
C GLU A 212 10.86 6.18 12.26
N ILE A 213 11.96 6.83 12.63
CA ILE A 213 13.29 6.45 12.13
C ILE A 213 13.99 5.67 13.22
N PRO A 214 14.19 4.36 13.06
CA PRO A 214 14.81 3.58 14.13
C PRO A 214 16.22 4.06 14.45
N ASN A 215 16.53 4.10 15.75
CA ASN A 215 17.90 4.34 16.17
C ASN A 215 18.75 3.08 16.08
N ILE A 216 18.10 1.92 16.21
CA ILE A 216 18.79 0.65 15.99
C ILE A 216 19.08 0.50 14.49
N LYS A 217 20.35 0.38 14.14
CA LYS A 217 20.81 0.42 12.76
C LYS A 217 20.75 -0.98 12.14
N PRO A 218 20.08 -1.16 11.00
CA PRO A 218 19.99 -2.48 10.39
C PRO A 218 21.11 -2.76 9.40
N ASP A 219 21.44 -4.05 9.27
CA ASP A 219 22.36 -4.47 8.23
C ASP A 219 21.72 -4.42 6.85
N ILE A 220 20.43 -4.68 6.77
CA ILE A 220 19.71 -4.75 5.51
C ILE A 220 18.42 -3.95 5.63
N LEU A 221 18.09 -3.20 4.58
CA LEU A 221 16.85 -2.44 4.51
C LEU A 221 16.07 -2.89 3.27
N ILE A 222 14.83 -3.32 3.47
CA ILE A 222 13.88 -3.59 2.39
C ILE A 222 12.85 -2.47 2.43
N ILE A 223 12.80 -1.67 1.37
CA ILE A 223 12.07 -0.41 1.39
C ILE A 223 11.24 -0.28 0.11
N GLU A 224 10.05 0.28 0.24
CA GLU A 224 9.19 0.51 -0.91
C GLU A 224 9.80 1.57 -1.84
N SER A 225 9.37 1.53 -3.10
CA SER A 225 9.86 2.45 -4.12
C SER A 225 8.72 2.91 -5.00
N THR A 226 7.56 3.19 -4.37
CA THR A 226 6.34 3.46 -5.12
C THR A 226 6.49 4.66 -6.05
N TYR A 227 7.09 5.73 -5.56
CA TYR A 227 7.19 6.97 -6.32
C TYR A 227 8.59 7.25 -6.85
N GLY A 228 9.50 6.27 -6.75
CA GLY A 228 10.84 6.40 -7.31
C GLY A 228 11.56 7.67 -6.91
N THR A 229 11.89 8.50 -7.90
CA THR A 229 12.59 9.76 -7.67
C THR A 229 11.65 10.96 -7.73
N HIS A 230 10.34 10.74 -7.74
CA HIS A 230 9.40 11.85 -7.71
C HIS A 230 9.49 12.58 -6.37
N ILE A 231 9.13 13.86 -6.40
CA ILE A 231 9.05 14.69 -5.20
C ILE A 231 7.61 15.14 -5.04
N HIS A 232 7.05 14.94 -3.86
CA HIS A 232 5.66 15.29 -3.61
C HIS A 232 5.47 16.80 -3.63
N GLU A 233 4.41 17.24 -4.31
CA GLU A 233 3.99 18.63 -4.21
C GLU A 233 3.64 18.94 -2.75
N LYS A 234 3.92 20.18 -2.34
CA LYS A 234 3.66 20.57 -0.96
C LYS A 234 2.19 20.35 -0.61
N ARG A 235 1.95 19.91 0.64
CA ARG A 235 0.63 19.46 1.02
C ARG A 235 -0.42 20.56 0.83
N GLU A 236 -0.06 21.81 1.10
CA GLU A 236 -1.01 22.91 0.92
C GLU A 236 -1.37 23.10 -0.55
N GLU A 237 -0.45 22.79 -1.47
CA GLU A 237 -0.74 22.94 -2.89
C GLU A 237 -1.70 21.86 -3.37
N ARG A 238 -1.45 20.60 -2.98
CA ARG A 238 -2.31 19.51 -3.42
C ARG A 238 -3.71 19.63 -2.81
N GLU A 239 -3.80 20.05 -1.56
CA GLU A 239 -5.11 20.25 -0.93
C GLU A 239 -5.88 21.36 -1.62
N ALA A 240 -5.21 22.43 -2.00
CA ALA A 240 -5.89 23.54 -2.68
C ALA A 240 -6.36 23.12 -4.07
N ARG A 241 -5.52 22.44 -4.83
CA ARG A 241 -5.93 21.96 -6.15
C ARG A 241 -7.03 20.92 -6.05
N PHE A 242 -7.00 20.08 -5.02
CA PHE A 242 -8.07 19.11 -4.81
C PHE A 242 -9.41 19.82 -4.58
N CYS A 243 -9.43 20.80 -3.67
CA CYS A 243 -10.67 21.50 -3.37
C CYS A 243 -11.14 22.34 -4.55
N ASN A 244 -10.21 22.93 -5.30
CA ASN A 244 -10.59 23.71 -6.48
C ASN A 244 -11.22 22.83 -7.55
N THR A 245 -10.69 21.62 -7.73
CA THR A 245 -11.25 20.73 -8.75
C THR A 245 -12.64 20.25 -8.35
N VAL A 246 -12.82 19.85 -7.09
CA VAL A 246 -14.15 19.48 -6.61
C VAL A 246 -15.11 20.65 -6.79
N HIS A 247 -14.68 21.86 -6.40
CA HIS A 247 -15.52 23.03 -6.53
C HIS A 247 -15.92 23.28 -7.98
N ASP A 248 -14.96 23.16 -8.90
CA ASP A 248 -15.24 23.38 -10.31
C ASP A 248 -16.29 22.39 -10.82
N ILE A 249 -16.23 21.14 -10.37
CA ILE A 249 -17.14 20.12 -10.86
C ILE A 249 -18.57 20.42 -10.43
N VAL A 250 -18.78 20.65 -9.14
CA VAL A 250 -20.15 20.86 -8.65
C VAL A 250 -20.69 22.21 -9.10
N ASN A 251 -19.80 23.19 -9.34
CA ASN A 251 -20.26 24.52 -9.73
C ASN A 251 -20.88 24.51 -11.12
N ARG A 252 -20.35 23.69 -12.03
CA ARG A 252 -20.93 23.56 -13.36
C ARG A 252 -22.10 22.57 -13.40
N GLY A 253 -22.63 22.20 -12.23
CA GLY A 253 -23.75 21.28 -12.16
C GLY A 253 -23.37 19.82 -12.23
N GLY A 254 -22.10 19.48 -12.04
CA GLY A 254 -21.68 18.11 -12.18
C GLY A 254 -21.63 17.35 -10.88
N ARG A 255 -21.55 16.03 -11.02
CA ARG A 255 -21.35 15.12 -9.88
C ARG A 255 -19.87 14.78 -9.81
N GLY A 256 -19.31 14.85 -8.60
CA GLY A 256 -17.90 14.56 -8.41
C GLY A 256 -17.66 13.22 -7.75
N LEU A 257 -16.88 12.36 -8.41
CA LEU A 257 -16.60 11.02 -7.91
C LEU A 257 -15.17 10.98 -7.36
N ILE A 258 -15.04 10.63 -6.09
CA ILE A 258 -13.72 10.48 -5.46
C ILE A 258 -13.55 9.03 -5.04
N PRO A 259 -13.05 8.15 -5.91
CA PRO A 259 -12.84 6.75 -5.50
C PRO A 259 -11.72 6.65 -4.47
N VAL A 260 -12.02 5.97 -3.36
CA VAL A 260 -11.06 5.77 -2.28
C VAL A 260 -11.13 4.32 -1.81
N PHE A 261 -10.01 3.80 -1.35
CA PHE A 261 -10.03 2.52 -0.65
C PHE A 261 -10.66 2.73 0.73
N ALA A 262 -11.62 1.86 1.07
CA ALA A 262 -12.49 1.96 2.24
C ALA A 262 -11.97 2.86 3.36
N LEU A 263 -10.87 2.46 3.99
CA LEU A 263 -10.35 3.16 5.16
C LEU A 263 -8.94 3.66 4.88
N GLY A 264 -8.59 4.77 5.52
CA GLY A 264 -7.26 5.34 5.37
C GLY A 264 -7.26 6.77 4.86
N ARG A 265 -7.08 6.94 3.55
CA ARG A 265 -7.01 8.28 2.98
C ARG A 265 -8.38 8.95 2.91
N ALA A 266 -9.46 8.17 3.03
CA ALA A 266 -10.80 8.73 2.91
C ALA A 266 -11.09 9.75 4.00
N GLN A 267 -10.72 9.44 5.25
CA GLN A 267 -10.97 10.36 6.35
C GLN A 267 -10.18 11.66 6.16
N GLU A 268 -8.96 11.56 5.62
CA GLU A 268 -8.17 12.75 5.32
C GLU A 268 -8.90 13.66 4.35
N LEU A 269 -9.29 13.11 3.18
CA LEU A 269 -9.97 13.92 2.17
C LEU A 269 -11.28 14.49 2.68
N LEU A 270 -11.97 13.77 3.57
CA LEU A 270 -13.22 14.27 4.12
C LEU A 270 -12.98 15.48 5.03
N LEU A 271 -11.87 15.48 5.77
CA LEU A 271 -11.53 16.65 6.58
C LEU A 271 -11.28 17.87 5.69
N ILE A 272 -10.55 17.69 4.60
CA ILE A 272 -10.21 18.81 3.73
C ILE A 272 -11.47 19.37 3.07
N LEU A 273 -12.36 18.49 2.62
CA LEU A 273 -13.60 18.96 1.99
C LEU A 273 -14.53 19.59 3.01
N ASP A 274 -14.58 19.04 4.23
CA ASP A 274 -15.45 19.60 5.26
C ASP A 274 -14.98 21.00 5.66
N GLU A 275 -13.66 21.20 5.75
CA GLU A 275 -13.13 22.54 6.03
C GLU A 275 -13.41 23.49 4.88
N TYR A 276 -13.21 23.04 3.64
CA TYR A 276 -13.44 23.91 2.48
C TYR A 276 -14.91 24.26 2.33
N TRP A 277 -15.80 23.31 2.63
CA TRP A 277 -17.23 23.59 2.56
C TRP A 277 -17.64 24.66 3.58
N GLN A 278 -17.10 24.58 4.80
CA GLN A 278 -17.44 25.54 5.84
C GLN A 278 -17.05 26.96 5.44
N ASN A 279 -15.92 27.11 4.75
CA ASN A 279 -15.40 28.41 4.37
C ASN A 279 -15.98 28.91 3.05
N HIS A 280 -16.93 28.19 2.46
CA HIS A 280 -17.58 28.62 1.22
C HIS A 280 -19.08 28.36 1.35
N PRO A 281 -19.83 29.31 1.88
CA PRO A 281 -21.28 29.10 2.08
C PRO A 281 -22.05 28.83 0.80
N GLU A 282 -21.54 29.26 -0.35
CA GLU A 282 -22.24 28.98 -1.61
C GLU A 282 -22.26 27.50 -1.94
N LEU A 283 -21.55 26.66 -1.18
CA LEU A 283 -21.55 25.22 -1.37
C LEU A 283 -22.33 24.49 -0.29
N HIS A 284 -22.93 25.20 0.67
CA HIS A 284 -23.58 24.54 1.80
C HIS A 284 -24.74 23.65 1.35
N ASP A 285 -25.41 24.00 0.26
CA ASP A 285 -26.54 23.22 -0.21
C ASP A 285 -26.13 22.02 -1.07
N ILE A 286 -24.84 21.88 -1.38
CA ILE A 286 -24.36 20.80 -2.22
C ILE A 286 -23.92 19.65 -1.32
N PRO A 287 -24.51 18.46 -1.46
CA PRO A 287 -24.21 17.37 -0.52
C PRO A 287 -22.89 16.68 -0.83
N ILE A 288 -22.26 16.17 0.22
CA ILE A 288 -21.10 15.30 0.12
C ILE A 288 -21.45 13.99 0.78
N TYR A 289 -21.34 12.89 0.03
CA TYR A 289 -21.65 11.57 0.53
C TYR A 289 -20.37 10.75 0.68
N TYR A 290 -20.25 10.06 1.80
CA TYR A 290 -19.21 9.05 2.01
C TYR A 290 -19.88 7.70 2.13
N ALA A 291 -19.59 6.81 1.19
CA ALA A 291 -20.24 5.51 1.10
C ALA A 291 -19.21 4.41 1.33
N SER A 292 -19.35 3.69 2.44
CA SER A 292 -18.53 2.53 2.74
C SER A 292 -19.33 1.64 3.69
N SER A 293 -18.66 0.61 4.20
CA SER A 293 -19.32 -0.33 5.10
C SER A 293 -18.48 -0.59 6.35
N VAL A 324 -16.45 13.34 13.05
CA VAL A 324 -17.75 13.98 12.98
C VAL A 324 -17.67 15.25 12.15
N PHE A 325 -18.29 15.21 10.98
CA PHE A 325 -18.26 16.33 10.04
C PHE A 325 -19.58 17.08 10.06
N LYS A 326 -19.52 18.33 9.59
CA LYS A 326 -20.70 19.20 9.56
C LYS A 326 -21.32 19.31 8.18
N HIS A 327 -20.68 18.78 7.13
CA HIS A 327 -21.18 18.89 5.77
C HIS A 327 -21.14 17.58 5.00
N ILE A 328 -20.94 16.45 5.67
CA ILE A 328 -20.75 15.16 5.01
C ILE A 328 -21.76 14.17 5.57
N SER A 329 -22.46 13.48 4.68
CA SER A 329 -23.46 12.49 5.04
C SER A 329 -22.95 11.09 4.70
N ASN A 330 -23.45 10.10 5.45
CA ASN A 330 -23.08 8.72 5.21
C ASN A 330 -24.07 8.06 4.26
N LEU A 331 -23.56 7.13 3.46
CA LEU A 331 -24.34 6.46 2.42
C LEU A 331 -24.16 4.96 2.57
N LYS A 332 -25.27 4.22 2.51
CA LYS A 332 -25.25 2.77 2.67
C LYS A 332 -24.96 2.06 1.35
N SER A 333 -25.72 2.37 0.30
CA SER A 333 -25.54 1.74 -1.00
C SER A 333 -26.22 2.61 -2.05
N MET A 334 -26.27 2.10 -3.30
CA MET A 334 -26.95 2.82 -4.37
C MET A 334 -28.44 2.94 -4.11
N ASP A 335 -29.03 1.98 -3.38
CA ASP A 335 -30.47 2.02 -3.13
C ASP A 335 -30.84 3.18 -2.21
N HIS A 336 -29.95 3.57 -1.31
CA HIS A 336 -30.20 4.62 -0.34
C HIS A 336 -29.73 6.00 -0.83
N PHE A 337 -29.47 6.14 -2.13
CA PHE A 337 -28.80 7.30 -2.67
C PHE A 337 -29.65 7.92 -3.78
N ASP A 338 -30.07 9.16 -3.58
CA ASP A 338 -30.72 9.95 -4.62
C ASP A 338 -29.62 10.62 -5.45
N ASP A 339 -29.41 10.12 -6.67
CA ASP A 339 -28.38 10.65 -7.56
C ASP A 339 -28.88 11.99 -8.11
N ILE A 340 -28.77 13.02 -7.29
CA ILE A 340 -29.16 14.38 -7.66
C ILE A 340 -27.89 15.21 -7.81
N GLY A 341 -27.68 15.75 -9.00
CA GLY A 341 -26.56 16.63 -9.25
C GLY A 341 -26.94 18.08 -8.99
N PRO A 342 -25.99 18.88 -8.49
CA PRO A 342 -24.60 18.47 -8.23
C PRO A 342 -24.43 17.78 -6.89
N SER A 343 -23.35 17.03 -6.74
CA SER A 343 -23.05 16.31 -5.51
C SER A 343 -21.61 15.83 -5.55
N VAL A 344 -21.11 15.45 -4.38
CA VAL A 344 -19.81 14.81 -4.25
C VAL A 344 -20.03 13.47 -3.57
N VAL A 345 -19.48 12.41 -4.16
CA VAL A 345 -19.61 11.06 -3.61
C VAL A 345 -18.22 10.46 -3.49
N MET A 346 -17.83 10.12 -2.27
CA MET A 346 -16.60 9.39 -2.00
C MET A 346 -16.96 7.92 -1.80
N ALA A 347 -16.48 7.06 -2.69
CA ALA A 347 -16.90 5.67 -2.70
C ALA A 347 -15.69 4.75 -2.91
N SER A 348 -15.88 3.48 -2.55
CA SER A 348 -14.93 2.39 -2.66
C SER A 348 -15.26 1.49 -3.84
N PRO A 349 -14.27 0.81 -4.43
CA PRO A 349 -12.83 0.87 -4.11
C PRO A 349 -12.11 2.03 -4.77
N GLY A 350 -10.83 2.20 -4.45
CA GLY A 350 -10.09 3.38 -4.87
C GLY A 350 -9.71 3.40 -6.33
N MET A 351 -9.73 2.25 -7.01
CA MET A 351 -9.32 2.17 -8.41
C MET A 351 -10.44 1.69 -9.33
N MET A 352 -11.68 1.73 -8.85
CA MET A 352 -12.87 1.48 -9.68
C MET A 352 -12.81 0.12 -10.37
N GLN A 353 -12.15 -0.85 -9.76
CA GLN A 353 -12.11 -2.20 -10.33
C GLN A 353 -13.51 -2.78 -10.43
N SER A 354 -14.36 -2.52 -9.44
CA SER A 354 -15.75 -2.94 -9.40
C SER A 354 -16.49 -2.14 -8.33
N GLY A 355 -17.58 -2.69 -7.82
CA GLY A 355 -18.21 -2.06 -6.68
C GLY A 355 -18.88 -0.72 -6.99
N LEU A 356 -19.07 0.06 -5.91
CA LEU A 356 -19.86 1.29 -6.01
C LEU A 356 -19.16 2.34 -6.84
N SER A 357 -17.87 2.58 -6.59
CA SER A 357 -17.14 3.60 -7.34
C SER A 357 -17.19 3.32 -8.84
N ARG A 358 -17.15 2.03 -9.21
CA ARG A 358 -17.26 1.68 -10.63
C ARG A 358 -18.68 1.90 -11.15
N GLU A 359 -19.69 1.56 -10.34
CA GLU A 359 -21.06 1.78 -10.77
C GLU A 359 -21.35 3.26 -10.98
N LEU A 360 -20.87 4.11 -10.07
CA LEU A 360 -21.08 5.55 -10.22
C LEU A 360 -20.31 6.10 -11.41
N PHE A 361 -19.09 5.61 -11.63
CA PHE A 361 -18.33 6.06 -12.79
C PHE A 361 -19.06 5.73 -14.09
N GLU A 362 -19.57 4.50 -14.21
CA GLU A 362 -20.30 4.12 -15.41
C GLU A 362 -21.58 4.92 -15.57
N SER A 363 -22.20 5.35 -14.46
CA SER A 363 -23.42 6.13 -14.54
C SER A 363 -23.14 7.58 -14.92
N TRP A 364 -21.94 8.08 -14.63
CA TRP A 364 -21.62 9.49 -14.75
C TRP A 364 -20.63 9.82 -15.86
N CYS A 365 -19.96 8.83 -16.44
CA CYS A 365 -18.83 9.11 -17.32
C CYS A 365 -19.24 9.74 -18.65
N THR A 366 -20.52 9.67 -19.02
CA THR A 366 -20.96 10.18 -20.31
C THR A 366 -21.30 11.67 -20.29
N ASP A 367 -21.32 12.29 -19.12
CA ASP A 367 -21.70 13.69 -18.98
C ASP A 367 -20.44 14.51 -18.67
N LYS A 368 -20.14 15.47 -19.55
CA LYS A 368 -18.94 16.28 -19.40
C LYS A 368 -18.99 17.22 -18.19
N ARG A 369 -20.17 17.47 -17.62
CA ARG A 369 -20.26 18.28 -16.42
C ARG A 369 -19.71 17.53 -15.21
N ASN A 370 -19.75 16.20 -15.23
CA ASN A 370 -19.26 15.40 -14.13
C ASN A 370 -17.74 15.31 -14.17
N GLY A 371 -17.18 14.71 -13.12
CA GLY A 371 -15.74 14.56 -13.03
C GLY A 371 -15.37 13.54 -11.96
N VAL A 372 -14.20 12.93 -12.15
CA VAL A 372 -13.64 11.98 -11.19
C VAL A 372 -12.28 12.50 -10.77
N ILE A 373 -11.96 12.34 -9.48
CA ILE A 373 -10.70 12.77 -8.92
C ILE A 373 -10.03 11.55 -8.30
N ILE A 374 -8.93 11.11 -8.90
CA ILE A 374 -8.20 9.95 -8.41
C ILE A 374 -7.13 10.44 -7.44
N ALA A 375 -7.21 9.98 -6.19
CA ALA A 375 -6.32 10.44 -5.14
C ALA A 375 -5.21 9.46 -4.79
N GLY A 376 -5.37 8.18 -5.12
CA GLY A 376 -4.40 7.17 -4.78
C GLY A 376 -3.47 6.83 -5.94
N TYR A 377 -2.56 5.89 -5.66
CA TYR A 377 -1.68 5.38 -6.69
C TYR A 377 -2.43 4.43 -7.60
N CYS A 378 -2.25 4.60 -8.91
CA CYS A 378 -2.97 3.82 -9.91
C CYS A 378 -2.08 2.67 -10.38
N VAL A 379 -2.53 1.45 -10.14
CA VAL A 379 -1.80 0.25 -10.51
C VAL A 379 -2.18 -0.16 -11.92
N GLU A 380 -1.20 -0.63 -12.69
CA GLU A 380 -1.45 -1.13 -14.04
C GLU A 380 -2.53 -2.21 -14.01
N GLY A 381 -3.41 -2.18 -15.00
CA GLY A 381 -4.50 -3.12 -15.10
C GLY A 381 -5.81 -2.67 -14.49
N THR A 382 -5.81 -1.55 -13.76
CA THR A 382 -7.03 -1.03 -13.16
C THR A 382 -7.67 0.01 -14.08
N LEU A 383 -8.97 0.23 -13.89
CA LEU A 383 -9.67 1.25 -14.67
C LEU A 383 -9.14 2.64 -14.38
N ALA A 384 -8.76 2.90 -13.12
CA ALA A 384 -8.24 4.21 -12.76
C ALA A 384 -6.96 4.53 -13.52
N LYS A 385 -6.12 3.51 -13.74
CA LYS A 385 -4.90 3.72 -14.51
C LYS A 385 -5.20 3.84 -16.00
N HIS A 386 -6.22 3.12 -16.48
CA HIS A 386 -6.51 3.12 -17.91
CA HIS A 386 -6.52 3.13 -17.91
C HIS A 386 -7.03 4.49 -18.37
N ILE A 387 -7.87 5.13 -17.57
CA ILE A 387 -8.43 6.42 -17.97
C ILE A 387 -7.40 7.54 -17.94
N MET A 388 -6.22 7.30 -17.36
CA MET A 388 -5.16 8.31 -17.40
C MET A 388 -4.71 8.58 -18.83
N SER A 389 -4.77 7.56 -19.69
CA SER A 389 -4.45 7.73 -21.10
C SER A 389 -5.48 8.55 -21.85
N GLU A 390 -6.56 8.96 -21.19
CA GLU A 390 -7.65 9.71 -21.80
C GLU A 390 -8.22 8.96 -23.01
N PRO A 391 -8.77 7.76 -22.81
CA PRO A 391 -9.37 7.04 -23.93
C PRO A 391 -10.69 7.67 -24.34
N GLU A 392 -11.07 7.43 -25.59
CA GLU A 392 -12.33 7.98 -26.07
C GLU A 392 -13.51 7.29 -25.42
N GLU A 393 -13.40 5.98 -25.17
CA GLU A 393 -14.48 5.20 -24.58
C GLU A 393 -13.95 4.31 -23.47
N ILE A 394 -14.86 3.90 -22.60
CA ILE A 394 -14.58 2.92 -21.57
C ILE A 394 -15.47 1.70 -21.81
N THR A 395 -15.13 0.60 -21.13
CA THR A 395 -15.92 -0.62 -21.19
C THR A 395 -16.53 -0.86 -19.81
N THR A 396 -17.86 -0.98 -19.77
CA THR A 396 -18.54 -1.25 -18.51
C THR A 396 -18.29 -2.69 -18.08
N MET A 397 -18.61 -2.97 -16.82
CA MET A 397 -18.51 -4.34 -16.32
C MET A 397 -19.41 -5.28 -17.09
N SER A 398 -20.53 -4.78 -17.60
CA SER A 398 -21.44 -5.58 -18.41
C SER A 398 -20.98 -5.69 -19.87
N GLY A 399 -19.82 -5.13 -20.21
CA GLY A 399 -19.29 -5.24 -21.55
C GLY A 399 -19.80 -4.22 -22.54
N GLN A 400 -20.32 -3.09 -22.09
CA GLN A 400 -20.82 -2.05 -22.98
C GLN A 400 -19.82 -0.91 -23.08
N LYS A 401 -19.79 -0.26 -24.24
CA LYS A 401 -18.88 0.85 -24.50
C LYS A 401 -19.59 2.17 -24.26
N LEU A 402 -18.96 3.04 -23.47
CA LEU A 402 -19.48 4.35 -23.17
C LEU A 402 -18.41 5.41 -23.42
N PRO A 403 -18.77 6.53 -24.05
CA PRO A 403 -17.79 7.60 -24.24
C PRO A 403 -17.40 8.23 -22.91
N LEU A 404 -16.09 8.44 -22.74
CA LEU A 404 -15.55 9.04 -21.52
C LEU A 404 -15.54 10.55 -21.72
N LYS A 405 -16.54 11.24 -21.17
CA LYS A 405 -16.67 12.68 -21.33
C LYS A 405 -16.45 13.46 -20.04
N MET A 406 -16.60 12.84 -18.88
CA MET A 406 -16.33 13.52 -17.62
C MET A 406 -14.85 13.86 -17.51
N SER A 407 -14.55 14.94 -16.77
CA SER A 407 -13.17 15.30 -16.52
C SER A 407 -12.51 14.26 -15.62
N VAL A 408 -11.22 14.05 -15.84
CA VAL A 408 -10.42 13.11 -15.07
C VAL A 408 -9.22 13.87 -14.52
N ASP A 409 -9.04 13.83 -13.21
CA ASP A 409 -7.95 14.54 -12.55
C ASP A 409 -7.26 13.63 -11.55
N TYR A 410 -5.95 13.78 -11.43
CA TYR A 410 -5.12 12.99 -10.52
C TYR A 410 -4.44 13.94 -9.55
N ILE A 411 -4.81 13.86 -8.28
CA ILE A 411 -4.18 14.61 -7.20
C ILE A 411 -3.74 13.58 -6.16
N SER A 412 -2.44 13.36 -6.07
CA SER A 412 -1.93 12.23 -5.28
C SER A 412 -2.09 12.48 -3.78
N PHE A 413 -2.64 11.48 -3.08
CA PHE A 413 -2.73 11.46 -1.62
C PHE A 413 -2.49 10.05 -1.08
N SER A 414 -1.65 9.26 -1.78
CA SER A 414 -1.50 7.85 -1.46
CA SER A 414 -1.50 7.85 -1.46
C SER A 414 -0.69 7.61 -0.19
N ALA A 415 0.03 8.61 0.31
CA ALA A 415 0.80 8.54 1.55
C ALA A 415 1.94 7.51 1.46
N HIS A 416 2.81 7.73 0.48
CA HIS A 416 4.09 7.04 0.36
C HIS A 416 5.20 8.07 0.46
N THR A 417 6.41 7.58 0.73
CA THR A 417 7.56 8.47 0.77
C THR A 417 7.95 8.91 -0.63
N ASP A 418 8.50 10.11 -0.72
CA ASP A 418 9.11 10.59 -1.95
C ASP A 418 10.61 10.32 -1.89
N TYR A 419 11.35 10.85 -2.88
CA TYR A 419 12.79 10.59 -2.91
C TYR A 419 13.49 11.25 -1.73
N GLN A 420 13.09 12.50 -1.40
CA GLN A 420 13.72 13.19 -0.28
C GLN A 420 13.51 12.43 1.03
N GLN A 421 12.28 11.98 1.28
CA GLN A 421 12.00 11.25 2.51
C GLN A 421 12.73 9.90 2.53
N THR A 422 12.75 9.21 1.40
CA THR A 422 13.47 7.93 1.33
C THR A 422 14.97 8.13 1.46
N SER A 423 15.52 9.17 0.82
CA SER A 423 16.96 9.42 0.91
C SER A 423 17.36 9.80 2.33
N GLU A 424 16.57 10.67 2.98
CA GLU A 424 16.82 11.00 4.38
C GLU A 424 16.72 9.77 5.26
N PHE A 425 15.72 8.91 5.00
CA PHE A 425 15.55 7.69 5.79
C PHE A 425 16.76 6.77 5.65
N ILE A 426 17.27 6.61 4.43
CA ILE A 426 18.43 5.76 4.20
C ILE A 426 19.69 6.39 4.79
N ARG A 427 19.82 7.71 4.67
CA ARG A 427 21.01 8.37 5.21
C ARG A 427 21.06 8.29 6.73
N ALA A 428 19.90 8.28 7.39
CA ALA A 428 19.89 8.17 8.85
C ALA A 428 20.27 6.77 9.31
N LEU A 429 20.02 5.76 8.48
CA LEU A 429 20.30 4.37 8.83
C LEU A 429 21.61 3.85 8.24
N LYS A 430 21.98 4.29 7.05
CA LYS A 430 23.15 3.86 6.30
C LYS A 430 23.34 2.33 6.35
N PRO A 431 22.35 1.55 5.95
CA PRO A 431 22.52 0.09 5.92
C PRO A 431 23.38 -0.31 4.75
N PRO A 432 24.33 -1.23 4.96
CA PRO A 432 25.23 -1.62 3.85
C PRO A 432 24.50 -2.17 2.64
N HIS A 433 23.30 -2.71 2.82
CA HIS A 433 22.54 -3.28 1.70
C HIS A 433 21.10 -2.78 1.74
N VAL A 434 20.65 -2.21 0.63
CA VAL A 434 19.30 -1.72 0.45
C VAL A 434 18.66 -2.51 -0.67
N ILE A 435 17.46 -3.03 -0.42
CA ILE A 435 16.73 -3.82 -1.41
C ILE A 435 15.41 -3.11 -1.70
N LEU A 436 15.23 -2.71 -2.96
CA LEU A 436 14.04 -2.01 -3.39
C LEU A 436 12.98 -3.00 -3.83
N VAL A 437 11.77 -2.85 -3.30
CA VAL A 437 10.59 -3.57 -3.74
C VAL A 437 9.46 -2.56 -3.88
N HIS A 438 8.31 -3.04 -4.34
CA HIS A 438 7.06 -2.27 -4.32
C HIS A 438 7.20 -0.98 -5.14
N GLY A 439 7.42 -1.16 -6.44
CA GLY A 439 7.57 -0.05 -7.35
C GLY A 439 7.69 -0.50 -8.79
N GLU A 440 7.18 0.29 -9.73
CA GLU A 440 7.27 -0.08 -11.13
C GLU A 440 8.74 -0.11 -11.58
N GLN A 441 8.99 -0.86 -12.66
CA GLN A 441 10.36 -1.13 -13.08
C GLN A 441 11.13 0.16 -13.36
N ASN A 442 10.50 1.09 -14.09
CA ASN A 442 11.20 2.32 -14.45
C ASN A 442 11.46 3.19 -13.23
N GLU A 443 10.45 3.35 -12.37
CA GLU A 443 10.63 4.13 -11.14
C GLU A 443 11.69 3.51 -10.24
N MET A 444 11.69 2.18 -10.11
CA MET A 444 12.63 1.52 -9.23
C MET A 444 14.06 1.61 -9.77
N ALA A 445 14.21 1.53 -11.08
CA ALA A 445 15.55 1.64 -11.67
C ALA A 445 16.13 3.02 -11.48
N ARG A 446 15.31 4.06 -11.58
CA ARG A 446 15.79 5.42 -11.35
C ARG A 446 16.10 5.66 -9.88
N LEU A 447 15.31 5.08 -8.98
CA LEU A 447 15.59 5.21 -7.56
C LEU A 447 16.91 4.53 -7.20
N LYS A 448 17.15 3.35 -7.77
CA LYS A 448 18.41 2.64 -7.52
C LYS A 448 19.60 3.47 -7.96
N ALA A 449 19.54 4.04 -9.16
CA ALA A 449 20.67 4.80 -9.67
C ALA A 449 20.90 6.07 -8.88
N ALA A 450 19.82 6.74 -8.46
CA ALA A 450 19.97 7.98 -7.69
C ALA A 450 20.57 7.71 -6.32
N LEU A 451 20.15 6.61 -5.67
CA LEU A 451 20.71 6.27 -4.37
C LEU A 451 22.16 5.85 -4.47
N ILE A 452 22.51 5.09 -5.51
CA ILE A 452 23.90 4.69 -5.73
C ILE A 452 24.79 5.93 -5.86
N ARG A 453 24.34 6.90 -6.66
CA ARG A 453 25.11 8.12 -6.86
C ARG A 453 25.29 8.89 -5.55
N GLU A 454 24.36 8.73 -4.60
CA GLU A 454 24.46 9.43 -3.32
C GLU A 454 25.60 8.92 -2.44
N TYR A 455 26.21 7.78 -2.76
CA TYR A 455 27.20 7.19 -1.87
C TYR A 455 28.46 6.73 -2.60
N GLU A 456 28.67 7.17 -3.84
CA GLU A 456 29.94 6.86 -4.51
C GLU A 456 31.11 7.60 -3.87
N ASP A 457 30.88 8.85 -3.46
CA ASP A 457 31.90 9.66 -2.83
C ASP A 457 31.87 9.59 -1.30
N ASN A 458 31.33 8.52 -0.75
CA ASN A 458 31.21 8.35 0.71
C ASN A 458 32.24 7.32 1.16
N ASP A 459 33.35 7.81 1.71
CA ASP A 459 34.38 6.91 2.23
C ASP A 459 33.95 6.21 3.51
N GLU A 460 32.96 6.75 4.22
CA GLU A 460 32.51 6.12 5.46
C GLU A 460 31.79 4.80 5.18
N VAL A 461 30.86 4.80 4.24
CA VAL A 461 30.05 3.62 3.94
C VAL A 461 29.88 3.49 2.44
N HIS A 462 29.93 2.26 1.95
CA HIS A 462 29.55 1.92 0.58
C HIS A 462 28.24 1.14 0.66
N ILE A 463 27.17 1.72 0.12
CA ILE A 463 25.84 1.15 0.19
C ILE A 463 25.52 0.49 -1.14
N GLU A 464 25.12 -0.78 -1.09
CA GLU A 464 24.72 -1.52 -2.28
C GLU A 464 23.20 -1.53 -2.38
N VAL A 465 22.70 -1.24 -3.57
CA VAL A 465 21.26 -1.15 -3.82
C VAL A 465 20.88 -2.25 -4.81
N HIS A 466 19.82 -2.99 -4.49
CA HIS A 466 19.34 -4.10 -5.30
C HIS A 466 17.89 -3.85 -5.70
N ASN A 467 17.55 -4.23 -6.93
CA ASN A 467 16.17 -4.15 -7.43
C ASN A 467 15.81 -5.48 -8.09
N PRO A 468 15.62 -6.52 -7.28
CA PRO A 468 15.39 -7.85 -7.87
C PRO A 468 13.99 -7.98 -8.46
N ARG A 469 13.93 -8.62 -9.63
CA ARG A 469 12.65 -9.00 -10.20
C ARG A 469 11.98 -10.06 -9.33
N ASN A 470 10.72 -10.36 -9.64
CA ASN A 470 10.04 -11.45 -8.98
C ASN A 470 10.82 -12.76 -9.18
N THR A 471 10.91 -13.55 -8.13
CA THR A 471 11.62 -14.84 -8.07
C THR A 471 13.14 -14.67 -8.10
N GLU A 472 13.64 -13.46 -8.33
CA GLU A 472 15.09 -13.24 -8.33
C GLU A 472 15.59 -13.16 -6.89
N ALA A 473 16.69 -13.87 -6.62
CA ALA A 473 17.25 -13.96 -5.28
C ALA A 473 18.40 -12.98 -5.10
N VAL A 474 18.43 -12.32 -3.93
CA VAL A 474 19.56 -11.52 -3.49
C VAL A 474 20.24 -12.27 -2.37
N THR A 475 21.55 -12.49 -2.51
CA THR A 475 22.32 -13.29 -1.57
C THR A 475 23.39 -12.42 -0.91
N LEU A 476 23.45 -12.47 0.42
CA LEU A 476 24.42 -11.72 1.20
C LEU A 476 25.05 -12.64 2.24
N ASN A 477 26.37 -12.55 2.37
CA ASN A 477 27.13 -13.38 3.30
C ASN A 477 27.51 -12.58 4.52
N PHE A 478 27.27 -13.15 5.70
CA PHE A 478 27.65 -12.53 6.97
C PHE A 478 28.61 -13.44 7.71
N ARG A 479 29.75 -12.89 8.12
CA ARG A 479 30.72 -13.67 8.88
C ARG A 479 30.17 -14.04 10.25
C7 XZC B . -6.76 -5.21 -4.40
C8 XZC B . -5.49 -4.86 -3.97
C9 XZC B . -5.26 -3.60 -3.44
O1 XZC B . -0.68 1.79 -0.19
C1 XZC B . -11.58 -4.60 -4.42
C5 XZC B . -9.19 -4.67 -4.73
C6 XZC B . -7.82 -4.30 -4.29
C4 XZC B . -9.39 -5.43 -5.89
O4 XZC B . -5.04 -1.93 -0.83
C3 XZC B . -10.67 -5.76 -6.29
O3 XZC B . 0.56 0.68 -1.85
C2 XZC B . -11.77 -5.35 -5.57
N XZC B . -6.06 -1.40 -2.79
C XZC B . -13.90 -4.04 -4.31
O XZC B . -12.64 -4.17 -3.67
B XZC B . -0.70 0.63 -1.11
C10 XZC B . -6.29 -2.69 -3.33
C11 XZC B . -5.49 -1.09 -1.60
C12 XZC B . -5.45 0.39 -1.31
C13 XZC B . -4.03 0.92 -1.11
C14 XZC B . -3.20 0.85 -2.37
C15 XZC B . -1.81 0.71 -2.31
C16 XZC B . 0.36 0.46 -3.26
C17 XZC B . -1.10 0.65 -3.51
C18 XZC B . -1.74 0.73 -4.74
C19 XZC B . -3.11 0.88 -4.78
C20 XZC B . -3.84 0.94 -3.61
C21 XZC B . -7.56 -3.04 -3.75
C22 XZC B . -10.30 -4.27 -4.00
O2 XZC B . -0.76 -0.58 -0.24
FE FE C . 1.33 -1.18 -0.99
FE FE D . -0.39 0.53 1.52
S SO4 E . 0.56 12.33 1.28
O1 SO4 E . -0.09 13.60 1.03
O2 SO4 E . 0.39 11.46 0.12
O3 SO4 E . 1.99 12.54 1.51
O4 SO4 E . -0.04 11.70 2.45
CL CL F . 22.13 -19.16 15.54
CL CL G . 18.41 -18.83 -6.89
#